data_1V10
#
_entry.id   1V10
#
_cell.length_a   124.914
_cell.length_b   124.914
_cell.length_c   95.117
_cell.angle_alpha   90.00
_cell.angle_beta   90.00
_cell.angle_gamma   120.00
#
_symmetry.space_group_name_H-M   'P 65'
#
loop_
_entity.id
_entity.type
_entity.pdbx_description
1 polymer LACCASE
2 non-polymer 'COPPER (II) ION'
3 water water
#
_entity_poly.entity_id   1
_entity_poly.type   'polypeptide(L)'
_entity_poly.pdbx_seq_one_letter_code
;MPSFASLKSLVVLSLTSLSLAATVALDLHILNANLDPDGTGARSAVTAEGTTIAPLITGNIDDRFQINVIDQLTDANMRR
ATSIHWHGFFQAGTTEMDGPAFVNQCPIIPNESFVYDFVVPGQAGTYWYHSHLSTQYCDGLRGAFVVYDPNDPHLSLYDV
DDASTVITIADWYHSLSTVLFPNPNKAPPAPDTTLINGLGRNSANPSAGQLAVVSVQSGKRYRFRIVSTSCFPNYAFSID
GHRMTVIEVDGVSHQPLTVDSLTIFAGQRYSVVVEANQAVGNYWIRANPSNGRNGFTGGINSAIFRYQGAAVAEPTTSQN
SGTALNEANLIPLINPGAPGNPVPGGADINLNLRIGRNATTADFTINGAPFIPPTVPVLLQILSGVTNPNDLLPGGAVIS
LPANQVIEISIPGGGNHPFHLHGHNFDVVRTPGSSVYNYVNPVRRDVVSIGGGGDNVTFRFVTDNPGPWFLHCHIDWHLE
AGLAVVFAEDIPNIPIANAISPAWDDLCPKYNANNPDSGLA
;
_entity_poly.pdbx_strand_id   A
#
loop_
_chem_comp.id
_chem_comp.type
_chem_comp.name
_chem_comp.formula
CU non-polymer 'COPPER (II) ION' 'Cu 2'
#
# COMPACT_ATOMS: atom_id res chain seq x y z
N ALA A 22 15.95 8.53 3.05
CA ALA A 22 16.35 8.75 1.65
C ALA A 22 15.70 10.02 1.09
N THR A 23 16.50 10.78 0.35
CA THR A 23 16.20 12.11 -0.13
C THR A 23 15.18 12.17 -1.26
N VAL A 24 15.20 13.32 -1.92
CA VAL A 24 14.35 13.70 -3.05
C VAL A 24 15.07 13.43 -4.36
N ALA A 25 16.34 13.80 -4.40
CA ALA A 25 17.20 13.31 -5.47
C ALA A 25 18.08 12.23 -4.86
N LEU A 26 17.79 10.96 -5.15
CA LEU A 26 18.58 9.90 -4.53
C LEU A 26 18.74 8.73 -5.51
N ASP A 27 19.79 7.96 -5.25
CA ASP A 27 19.95 6.72 -6.00
C ASP A 27 19.17 5.67 -5.20
N LEU A 28 18.83 4.55 -5.84
CA LEU A 28 18.25 3.49 -5.01
C LEU A 28 18.59 2.15 -5.65
N HIS A 29 19.75 1.61 -5.28
CA HIS A 29 20.13 0.33 -5.87
C HIS A 29 19.14 -0.78 -5.52
N ILE A 30 18.88 -1.64 -6.50
CA ILE A 30 18.06 -2.81 -6.24
C ILE A 30 18.88 -4.05 -6.48
N LEU A 31 18.90 -4.91 -5.44
CA LEU A 31 19.90 -5.95 -5.41
C LEU A 31 19.46 -7.08 -4.48
N ASN A 32 19.94 -8.29 -4.82
CA ASN A 32 19.60 -9.34 -3.85
C ASN A 32 20.51 -9.19 -2.64
N ALA A 33 20.25 -10.02 -1.65
CA ALA A 33 20.97 -10.11 -0.40
C ALA A 33 20.33 -11.22 0.43
N ASN A 34 21.12 -11.89 1.24
CA ASN A 34 20.58 -13.01 2.01
C ASN A 34 20.24 -12.54 3.42
N LEU A 35 18.93 -12.48 3.64
CA LEU A 35 18.45 -11.91 4.89
C LEU A 35 17.79 -12.96 5.78
N ASP A 36 17.92 -12.71 7.09
CA ASP A 36 17.36 -13.71 8.01
C ASP A 36 16.61 -13.04 9.16
N PRO A 37 15.46 -12.45 8.86
CA PRO A 37 14.76 -11.56 9.78
C PRO A 37 14.19 -12.20 11.03
N ASP A 38 14.12 -13.52 11.13
CA ASP A 38 13.60 -14.02 12.41
C ASP A 38 14.63 -14.91 13.10
N GLY A 39 15.72 -15.24 12.42
CA GLY A 39 16.78 -16.04 13.05
C GLY A 39 16.68 -17.51 12.77
N THR A 40 15.70 -17.91 11.97
CA THR A 40 15.37 -19.27 11.61
C THR A 40 16.17 -19.85 10.46
N GLY A 41 16.57 -18.99 9.53
CA GLY A 41 17.29 -19.42 8.34
C GLY A 41 17.24 -18.33 7.27
N ALA A 42 18.42 -17.92 6.82
CA ALA A 42 18.61 -16.99 5.73
C ALA A 42 17.92 -17.44 4.43
N ARG A 43 17.57 -16.42 3.65
CA ARG A 43 17.00 -16.59 2.33
C ARG A 43 17.42 -15.43 1.41
N SER A 44 17.63 -15.76 0.15
CA SER A 44 17.85 -14.86 -0.97
C SER A 44 16.62 -14.00 -1.23
N ALA A 45 16.82 -12.68 -1.10
CA ALA A 45 15.69 -11.77 -1.29
C ALA A 45 16.06 -10.60 -2.19
N VAL A 46 15.04 -9.95 -2.74
CA VAL A 46 15.04 -8.72 -3.52
C VAL A 46 14.94 -7.52 -2.59
N THR A 47 15.90 -6.59 -2.63
CA THR A 47 15.63 -5.39 -1.85
C THR A 47 16.18 -4.13 -2.50
N ALA A 48 15.88 -3.04 -1.80
CA ALA A 48 16.57 -1.77 -1.97
C ALA A 48 17.63 -1.66 -0.88
N GLU A 49 18.85 -1.37 -1.31
CA GLU A 49 20.00 -1.20 -0.44
C GLU A 49 20.21 -2.41 0.45
N GLY A 50 20.94 -2.27 1.57
CA GLY A 50 21.11 -3.45 2.39
C GLY A 50 20.14 -3.51 3.56
N THR A 51 18.91 -3.97 3.35
CA THR A 51 17.95 -4.07 4.46
C THR A 51 16.68 -4.81 4.10
N THR A 52 16.14 -5.56 5.06
CA THR A 52 14.94 -6.33 4.73
C THR A 52 13.70 -5.46 4.58
N ILE A 53 13.74 -4.25 5.13
CA ILE A 53 12.79 -3.19 4.89
C ILE A 53 13.44 -2.12 4.01
N ALA A 54 12.85 -1.79 2.87
CA ALA A 54 13.43 -0.75 2.00
C ALA A 54 13.65 0.52 2.81
N PRO A 55 14.64 1.33 2.47
CA PRO A 55 15.01 2.46 3.34
C PRO A 55 14.00 3.59 3.25
N LEU A 56 13.68 4.16 4.41
CA LEU A 56 12.67 5.20 4.50
C LEU A 56 13.03 6.32 3.52
N ILE A 57 12.00 6.82 2.88
CA ILE A 57 12.22 8.00 2.00
C ILE A 57 11.37 9.14 2.50
N THR A 58 11.83 10.38 2.39
CA THR A 58 11.01 11.48 2.87
C THR A 58 11.24 12.70 1.95
N GLY A 59 10.23 13.55 1.93
CA GLY A 59 10.22 14.90 1.44
C GLY A 59 9.16 15.75 2.12
N ASN A 60 8.86 16.87 1.46
CA ASN A 60 7.82 17.79 1.88
C ASN A 60 6.75 18.00 0.80
N ILE A 61 5.61 18.50 1.24
CA ILE A 61 4.48 18.70 0.31
C ILE A 61 4.96 19.64 -0.81
N ASP A 62 4.64 19.22 -2.02
CA ASP A 62 4.99 19.92 -3.26
C ASP A 62 6.41 19.60 -3.69
N ASP A 63 7.15 18.81 -2.92
CA ASP A 63 8.50 18.46 -3.37
C ASP A 63 8.55 17.72 -4.72
N ARG A 64 9.73 17.73 -5.35
CA ARG A 64 9.98 17.06 -6.62
C ARG A 64 10.99 15.94 -6.43
N PHE A 65 10.49 14.71 -6.62
CA PHE A 65 11.32 13.53 -6.39
C PHE A 65 12.03 13.11 -7.67
N GLN A 66 13.30 12.76 -7.54
CA GLN A 66 14.21 12.29 -8.57
C GLN A 66 14.94 11.04 -8.09
N ILE A 67 14.23 9.92 -8.19
CA ILE A 67 14.59 8.68 -7.56
C ILE A 67 15.19 7.69 -8.55
N ASN A 68 16.53 7.72 -8.63
CA ASN A 68 17.32 6.90 -9.51
C ASN A 68 17.34 5.44 -9.16
N VAL A 69 16.44 4.69 -9.81
CA VAL A 69 16.52 3.25 -9.51
C VAL A 69 17.51 2.51 -10.38
N ILE A 70 18.50 1.91 -9.74
CA ILE A 70 19.55 1.14 -10.36
C ILE A 70 19.27 -0.35 -10.13
N ASP A 71 18.82 -1.06 -11.16
CA ASP A 71 18.54 -2.49 -11.02
C ASP A 71 19.84 -3.30 -11.02
N GLN A 72 20.13 -4.00 -9.93
CA GLN A 72 21.41 -4.73 -9.86
C GLN A 72 21.17 -6.19 -9.54
N LEU A 73 19.97 -6.72 -9.80
CA LEU A 73 19.56 -8.05 -9.36
C LEU A 73 20.24 -9.18 -10.14
N THR A 74 20.53 -10.28 -9.45
CA THR A 74 21.29 -11.41 -9.96
C THR A 74 20.65 -12.75 -9.64
N ASP A 75 19.72 -12.78 -8.67
CA ASP A 75 19.13 -14.09 -8.42
C ASP A 75 17.98 -14.35 -9.41
N ALA A 76 18.31 -15.21 -10.36
CA ALA A 76 17.54 -15.73 -11.45
C ALA A 76 16.40 -16.61 -10.97
N ASN A 77 16.39 -16.89 -9.67
CA ASN A 77 15.28 -17.69 -9.18
C ASN A 77 14.05 -16.85 -8.84
N MET A 78 14.24 -15.58 -8.84
CA MET A 78 13.15 -14.63 -8.62
C MET A 78 13.02 -13.91 -9.94
N ARG A 79 12.60 -12.69 -9.92
CA ARG A 79 12.51 -11.90 -11.13
C ARG A 79 13.68 -10.95 -11.02
N ARG A 80 14.34 -10.64 -12.12
CA ARG A 80 15.58 -9.81 -12.03
C ARG A 80 15.37 -8.41 -12.58
N ALA A 81 14.26 -8.28 -13.28
CA ALA A 81 13.76 -6.99 -13.75
C ALA A 81 13.04 -6.39 -12.55
N THR A 82 12.67 -5.11 -12.73
CA THR A 82 11.96 -4.53 -11.61
C THR A 82 11.19 -3.28 -12.01
N SER A 83 10.13 -2.98 -11.27
CA SER A 83 9.49 -1.70 -11.53
C SER A 83 8.93 -1.17 -10.21
N ILE A 84 9.14 0.11 -9.90
CA ILE A 84 8.73 0.56 -8.56
C ILE A 84 7.47 1.43 -8.62
N HIS A 85 6.54 1.22 -7.71
CA HIS A 85 5.37 2.04 -7.53
C HIS A 85 5.48 2.82 -6.22
N TRP A 86 5.14 4.09 -6.31
CA TRP A 86 5.01 5.02 -5.20
C TRP A 86 3.52 5.12 -4.86
N HIS A 87 3.15 4.35 -3.84
CA HIS A 87 1.77 4.03 -3.51
C HIS A 87 1.11 5.25 -2.86
N GLY A 88 -0.07 5.51 -3.43
CA GLY A 88 -0.90 6.61 -3.05
C GLY A 88 -0.66 7.99 -3.62
N PHE A 89 0.35 8.18 -4.45
CA PHE A 89 0.66 9.46 -5.08
C PHE A 89 -0.10 9.57 -6.41
N PHE A 90 -0.74 10.70 -6.69
CA PHE A 90 -1.63 10.80 -7.84
C PHE A 90 -0.91 10.77 -9.18
N GLN A 91 0.34 11.20 -9.21
CA GLN A 91 1.11 11.17 -10.47
C GLN A 91 0.39 11.88 -11.60
N ALA A 92 -0.29 12.99 -11.24
CA ALA A 92 -0.85 13.80 -12.32
C ALA A 92 0.26 14.43 -13.16
N GLY A 93 0.14 14.13 -14.48
CA GLY A 93 1.12 14.52 -15.46
C GLY A 93 2.34 13.63 -15.48
N THR A 94 2.37 12.66 -14.58
CA THR A 94 3.53 11.77 -14.54
C THR A 94 3.07 10.32 -14.56
N THR A 95 2.08 10.01 -15.40
CA THR A 95 1.50 8.67 -15.38
C THR A 95 2.53 7.62 -15.71
N GLU A 96 3.56 7.94 -16.48
CA GLU A 96 4.57 6.97 -16.92
C GLU A 96 5.48 6.50 -15.79
N MET A 97 5.41 7.20 -14.67
CA MET A 97 6.19 7.00 -13.48
C MET A 97 5.49 6.19 -12.40
N ASP A 98 4.23 5.83 -12.62
CA ASP A 98 3.42 5.21 -11.58
C ASP A 98 3.95 3.88 -11.11
N GLY A 99 4.52 3.05 -11.99
CA GLY A 99 5.15 1.83 -11.54
C GLY A 99 4.55 0.52 -12.00
N PRO A 100 3.25 0.34 -12.16
CA PRO A 100 2.75 -0.94 -12.63
C PRO A 100 3.40 -1.44 -13.93
N ALA A 101 3.88 -2.67 -13.83
CA ALA A 101 4.39 -3.47 -14.93
C ALA A 101 3.36 -3.67 -16.04
N PHE A 102 3.74 -3.38 -17.27
CA PHE A 102 2.93 -3.50 -18.47
C PHE A 102 1.56 -2.82 -18.38
N VAL A 103 1.40 -1.90 -17.43
CA VAL A 103 0.35 -0.91 -17.40
C VAL A 103 0.99 0.46 -17.70
N ASN A 104 1.74 1.00 -16.74
CA ASN A 104 2.42 2.27 -16.96
C ASN A 104 3.85 2.10 -17.45
N GLN A 105 4.51 0.96 -17.33
CA GLN A 105 5.86 0.86 -17.91
C GLN A 105 6.25 -0.56 -18.25
N CYS A 106 7.36 -0.71 -18.97
CA CYS A 106 8.08 -1.94 -19.04
C CYS A 106 9.13 -1.91 -17.91
N PRO A 107 9.40 -3.08 -17.37
CA PRO A 107 10.36 -3.19 -16.28
C PRO A 107 11.73 -2.63 -16.64
N ILE A 108 12.47 -2.15 -15.65
CA ILE A 108 13.90 -1.87 -15.67
C ILE A 108 14.69 -3.18 -15.70
N ILE A 109 15.71 -3.26 -16.55
CA ILE A 109 16.54 -4.46 -16.71
C ILE A 109 17.75 -4.43 -15.78
N PRO A 110 18.24 -5.57 -15.30
CA PRO A 110 19.54 -5.59 -14.62
C PRO A 110 20.62 -4.94 -15.48
N ASN A 111 21.50 -4.23 -14.80
CA ASN A 111 22.60 -3.46 -15.39
C ASN A 111 22.10 -2.16 -15.99
N GLU A 112 20.85 -1.81 -15.70
CA GLU A 112 20.32 -0.52 -16.12
C GLU A 112 19.64 0.18 -14.94
N SER A 113 19.17 1.39 -15.22
CA SER A 113 18.68 2.37 -14.27
C SER A 113 17.61 3.23 -14.93
N PHE A 114 16.83 3.95 -14.16
CA PHE A 114 15.78 4.84 -14.64
C PHE A 114 15.42 5.78 -13.49
N VAL A 115 15.25 7.06 -13.83
CA VAL A 115 14.89 8.07 -12.85
C VAL A 115 13.39 8.34 -12.92
N TYR A 116 12.81 7.85 -11.82
CA TYR A 116 11.39 8.25 -11.64
C TYR A 116 11.42 9.72 -11.26
N ASP A 117 10.76 10.61 -11.99
CA ASP A 117 10.78 12.02 -11.62
C ASP A 117 9.35 12.58 -11.60
N PHE A 118 8.85 12.82 -10.40
CA PHE A 118 7.50 13.32 -10.18
C PHE A 118 7.49 14.29 -8.99
N VAL A 119 6.41 15.00 -8.82
CA VAL A 119 6.15 15.99 -7.79
C VAL A 119 4.96 15.56 -6.94
N VAL A 120 4.95 16.05 -5.70
CA VAL A 120 3.81 15.74 -4.85
C VAL A 120 3.09 17.00 -4.38
N PRO A 121 2.43 17.66 -5.31
CA PRO A 121 1.97 19.04 -5.18
C PRO A 121 1.32 19.38 -3.84
N GLY A 122 0.16 18.79 -3.62
CA GLY A 122 -0.65 18.97 -2.45
C GLY A 122 -0.93 17.65 -1.76
N GLN A 123 0.10 16.89 -1.42
CA GLN A 123 -0.09 15.65 -0.66
C GLN A 123 1.00 15.51 0.40
N ALA A 124 0.63 15.66 1.67
CA ALA A 124 1.53 15.31 2.75
C ALA A 124 1.00 14.03 3.40
N GLY A 125 1.79 13.28 4.16
CA GLY A 125 1.19 12.08 4.71
C GLY A 125 2.03 10.84 4.57
N THR A 126 1.39 9.69 4.80
CA THR A 126 2.15 8.44 4.95
C THR A 126 1.91 7.56 3.75
N TYR A 127 2.98 7.26 3.03
CA TYR A 127 2.82 6.44 1.83
C TYR A 127 3.79 5.28 1.89
N TRP A 128 3.92 4.51 0.81
CA TRP A 128 5.06 3.56 0.88
C TRP A 128 5.54 3.28 -0.54
N TYR A 129 6.51 2.41 -0.75
CA TYR A 129 6.87 2.16 -2.17
C TYR A 129 7.27 0.69 -2.32
N HIS A 130 6.94 0.08 -3.45
CA HIS A 130 7.21 -1.36 -3.53
C HIS A 130 7.28 -1.80 -4.98
N SER A 131 7.94 -2.94 -5.23
CA SER A 131 7.95 -3.39 -6.63
C SER A 131 6.51 -3.58 -7.10
N HIS A 132 6.29 -3.36 -8.40
CA HIS A 132 4.97 -3.59 -8.96
C HIS A 132 5.14 -4.44 -10.23
N LEU A 133 6.07 -5.38 -10.12
CA LEU A 133 6.27 -6.43 -11.12
C LEU A 133 6.10 -7.80 -10.48
N SER A 134 5.21 -8.64 -11.00
CA SER A 134 4.79 -9.90 -10.42
C SER A 134 4.54 -9.79 -8.92
N THR A 135 4.94 -10.84 -8.22
CA THR A 135 4.91 -10.87 -6.77
C THR A 135 6.31 -10.61 -6.24
N GLN A 136 7.07 -9.76 -6.95
CA GLN A 136 8.46 -9.59 -6.49
C GLN A 136 8.54 -8.76 -5.22
N TYR A 137 7.56 -7.94 -4.87
CA TYR A 137 7.63 -7.21 -3.59
C TYR A 137 7.55 -8.13 -2.37
N CYS A 138 6.97 -9.31 -2.52
CA CYS A 138 6.89 -10.33 -1.49
C CYS A 138 8.26 -10.97 -1.23
N ASP A 139 9.18 -10.91 -2.18
CA ASP A 139 10.57 -11.29 -1.95
C ASP A 139 11.34 -10.16 -1.27
N GLY A 140 10.74 -9.01 -0.92
CA GLY A 140 11.44 -7.98 -0.19
C GLY A 140 11.32 -6.54 -0.58
N LEU A 141 10.98 -6.21 -1.82
CA LEU A 141 11.09 -4.81 -2.25
C LEU A 141 9.99 -3.88 -1.79
N ARG A 142 10.14 -3.37 -0.55
CA ARG A 142 9.07 -2.61 0.06
C ARG A 142 9.59 -1.79 1.25
N GLY A 143 9.05 -0.59 1.37
CA GLY A 143 9.31 0.30 2.49
C GLY A 143 8.48 1.56 2.54
N ALA A 144 8.68 2.41 3.54
CA ALA A 144 7.94 3.60 3.87
C ALA A 144 8.45 4.83 3.09
N PHE A 145 7.51 5.73 2.85
CA PHE A 145 7.66 7.02 2.18
C PHE A 145 6.80 8.04 2.91
N VAL A 146 7.42 8.97 3.62
CA VAL A 146 6.59 9.97 4.32
C VAL A 146 6.82 11.34 3.70
N VAL A 147 5.76 12.10 3.56
CA VAL A 147 5.82 13.44 3.00
C VAL A 147 5.31 14.37 4.10
N TYR A 148 6.22 15.17 4.61
CA TYR A 148 5.84 16.00 5.74
C TYR A 148 5.16 17.28 5.26
N ASP A 149 4.35 17.82 6.16
CA ASP A 149 3.65 19.09 6.01
C ASP A 149 4.06 20.07 7.12
N PRO A 150 4.90 21.02 6.71
CA PRO A 150 5.40 22.08 7.54
C PRO A 150 4.27 22.84 8.27
N ASN A 151 3.10 22.86 7.67
CA ASN A 151 1.88 23.57 7.93
C ASN A 151 0.72 22.64 8.31
N ASP A 152 1.03 21.41 8.67
CA ASP A 152 0.14 20.29 8.95
C ASP A 152 -0.82 20.69 10.06
N PRO A 153 -2.13 20.49 9.93
CA PRO A 153 -3.06 20.98 10.95
C PRO A 153 -3.00 20.21 12.25
N HIS A 154 -2.31 19.06 12.24
CA HIS A 154 -2.30 18.18 13.41
C HIS A 154 -1.07 18.35 14.29
N LEU A 155 -0.18 19.24 13.86
CA LEU A 155 1.06 19.52 14.54
C LEU A 155 0.86 19.61 16.05
N SER A 156 -0.11 20.40 16.48
CA SER A 156 -0.32 20.64 17.91
C SER A 156 -0.68 19.35 18.64
N LEU A 157 -1.07 18.29 17.92
CA LEU A 157 -1.42 17.10 18.72
C LEU A 157 -0.26 16.19 19.06
N TYR A 158 0.99 16.47 18.73
CA TYR A 158 2.14 15.61 19.04
C TYR A 158 3.46 16.36 19.13
N ASP A 159 4.39 15.85 19.95
CA ASP A 159 5.73 16.37 20.16
C ASP A 159 6.77 15.64 19.31
N VAL A 160 6.48 14.49 18.74
CA VAL A 160 7.44 13.69 18.01
C VAL A 160 6.81 12.97 16.81
N ASP A 161 7.56 13.08 15.72
CA ASP A 161 7.30 12.62 14.37
C ASP A 161 8.63 12.62 13.61
N ASP A 162 9.27 11.46 13.44
CA ASP A 162 10.54 11.38 12.73
C ASP A 162 10.75 9.95 12.23
N ALA A 163 11.97 9.66 11.81
CA ALA A 163 12.19 8.31 11.26
C ALA A 163 11.88 7.21 12.26
N SER A 164 11.99 7.53 13.54
CA SER A 164 11.76 6.57 14.60
C SER A 164 10.27 6.36 14.87
N THR A 165 9.39 7.23 14.39
CA THR A 165 7.97 6.97 14.64
C THR A 165 7.32 6.32 13.43
N VAL A 166 8.10 5.75 12.52
CA VAL A 166 7.45 5.08 11.38
C VAL A 166 7.47 3.58 11.70
N ILE A 167 6.34 2.89 11.57
CA ILE A 167 6.17 1.51 11.94
C ILE A 167 5.64 0.64 10.80
N THR A 168 6.59 -0.17 10.30
CA THR A 168 6.23 -1.03 9.18
C THR A 168 5.87 -2.43 9.69
N ILE A 169 4.82 -2.98 9.14
CA ILE A 169 4.34 -4.36 9.20
C ILE A 169 4.46 -4.98 7.79
N ALA A 170 4.96 -6.19 7.76
CA ALA A 170 5.16 -7.03 6.61
C ALA A 170 5.02 -8.53 6.94
N ASP A 171 4.48 -9.24 5.95
CA ASP A 171 4.40 -10.69 5.94
C ASP A 171 5.62 -11.27 5.23
N TRP A 172 6.33 -12.11 5.95
CA TRP A 172 7.59 -12.61 5.41
C TRP A 172 7.50 -14.06 5.01
N TYR A 173 8.12 -14.41 3.89
CA TYR A 173 8.07 -15.77 3.36
C TYR A 173 9.44 -16.42 3.39
N HIS A 174 9.50 -17.65 3.88
CA HIS A 174 10.75 -18.41 3.98
C HIS A 174 11.22 -18.93 2.63
N SER A 175 10.30 -19.24 1.72
CA SER A 175 10.49 -19.68 0.36
C SER A 175 10.32 -18.54 -0.65
N LEU A 176 11.07 -18.55 -1.74
CA LEU A 176 10.93 -17.56 -2.80
C LEU A 176 9.52 -17.69 -3.41
N SER A 177 8.92 -16.56 -3.65
CA SER A 177 7.67 -16.31 -4.35
C SER A 177 7.38 -17.24 -5.53
N THR A 178 8.45 -17.52 -6.23
CA THR A 178 8.74 -18.17 -7.48
C THR A 178 8.13 -19.56 -7.61
N LYS A 186 1.15 -18.83 -6.17
CA LYS A 186 -0.14 -19.44 -5.88
C LYS A 186 -1.00 -18.51 -5.03
N ALA A 187 -1.47 -19.07 -3.92
CA ALA A 187 -2.14 -18.35 -2.85
C ALA A 187 -1.54 -18.91 -1.55
N PRO A 188 -0.23 -18.74 -1.44
CA PRO A 188 0.65 -19.51 -0.55
C PRO A 188 -0.07 -19.68 0.79
N PRO A 189 0.05 -20.82 1.44
CA PRO A 189 -0.80 -21.23 2.57
C PRO A 189 -1.01 -20.07 3.54
N ALA A 190 0.11 -19.37 3.75
CA ALA A 190 0.15 -18.15 4.52
C ALA A 190 1.58 -17.67 4.73
N PRO A 191 1.71 -16.42 5.13
CA PRO A 191 3.06 -15.92 5.50
C PRO A 191 3.71 -16.78 6.59
N ASP A 192 5.01 -16.63 6.79
CA ASP A 192 5.72 -17.42 7.80
C ASP A 192 5.99 -16.64 9.09
N THR A 193 6.29 -15.34 8.97
CA THR A 193 6.62 -14.50 10.12
C THR A 193 6.19 -13.05 9.89
N THR A 194 5.56 -12.48 10.91
CA THR A 194 5.20 -11.08 10.92
C THR A 194 6.38 -10.29 11.48
N LEU A 195 6.93 -9.42 10.65
CA LEU A 195 8.04 -8.56 11.00
C LEU A 195 7.54 -7.15 11.27
N ILE A 196 7.93 -6.56 12.39
CA ILE A 196 7.60 -5.16 12.65
C ILE A 196 8.93 -4.42 12.55
N ASN A 197 9.00 -3.38 11.74
CA ASN A 197 10.28 -2.75 11.46
C ASN A 197 11.34 -3.79 11.11
N GLY A 198 10.92 -4.79 10.35
CA GLY A 198 11.75 -5.85 9.78
C GLY A 198 12.14 -6.88 10.82
N LEU A 199 11.67 -6.68 12.06
CA LEU A 199 12.04 -7.62 13.10
C LEU A 199 10.76 -8.38 13.65
N GLY A 200 10.97 -9.60 14.24
CA GLY A 200 9.87 -10.48 14.80
C GLY A 200 10.32 -11.97 14.94
N ARG A 201 9.46 -12.77 15.58
CA ARG A 201 9.67 -14.22 15.87
C ARG A 201 8.77 -15.12 15.00
N ASN A 202 9.18 -16.39 14.97
CA ASN A 202 8.46 -17.48 14.26
C ASN A 202 8.48 -18.74 15.09
N SER A 203 7.82 -19.81 14.63
CA SER A 203 7.89 -21.00 15.48
C SER A 203 8.84 -22.07 15.00
N ALA A 204 9.88 -21.70 14.24
CA ALA A 204 10.94 -22.71 14.10
C ALA A 204 11.48 -22.92 15.52
N ASN A 205 11.56 -21.78 16.19
CA ASN A 205 11.68 -21.51 17.60
C ASN A 205 11.67 -19.98 17.78
N PRO A 206 10.59 -19.46 18.35
CA PRO A 206 10.45 -18.02 18.56
C PRO A 206 11.70 -17.41 19.18
N SER A 207 12.42 -18.15 20.03
CA SER A 207 13.55 -17.51 20.71
C SER A 207 14.69 -17.16 19.77
N ALA A 208 14.62 -17.60 18.53
CA ALA A 208 15.66 -17.37 17.54
C ALA A 208 15.60 -15.93 17.03
N GLY A 209 14.46 -15.28 17.26
CA GLY A 209 14.12 -14.00 16.72
C GLY A 209 14.27 -12.76 17.54
N GLN A 210 14.76 -11.66 16.95
CA GLN A 210 14.79 -10.44 17.75
C GLN A 210 13.40 -9.80 17.76
N LEU A 211 13.14 -9.04 18.83
CA LEU A 211 11.95 -8.20 18.82
C LEU A 211 12.37 -6.76 18.50
N ALA A 212 11.56 -6.09 17.71
CA ALA A 212 11.72 -4.66 17.40
C ALA A 212 11.33 -3.88 18.65
N VAL A 213 12.08 -2.85 18.97
CA VAL A 213 11.88 -1.96 20.11
C VAL A 213 11.59 -0.57 19.57
N VAL A 214 10.41 -0.04 19.90
CA VAL A 214 10.06 1.34 19.60
C VAL A 214 10.21 2.09 20.92
N SER A 215 11.07 3.11 20.93
CA SER A 215 11.42 3.73 22.21
C SER A 215 10.64 5.02 22.45
N VAL A 216 10.10 5.20 23.66
CA VAL A 216 9.42 6.43 24.02
C VAL A 216 9.90 7.01 25.35
N GLN A 217 9.43 8.21 25.62
CA GLN A 217 9.69 8.94 26.86
C GLN A 217 8.40 9.44 27.47
N SER A 218 8.33 9.36 28.80
CA SER A 218 7.18 9.75 29.59
C SER A 218 6.74 11.20 29.35
N GLY A 219 5.43 11.36 29.17
CA GLY A 219 4.84 12.66 28.97
C GLY A 219 4.85 13.11 27.51
N LYS A 220 5.60 12.41 26.66
CA LYS A 220 5.72 12.83 25.27
C LYS A 220 4.59 12.21 24.43
N ARG A 221 4.17 12.94 23.40
CA ARG A 221 3.15 12.45 22.47
C ARG A 221 3.77 12.17 21.09
N TYR A 222 3.39 11.03 20.50
CA TYR A 222 4.04 10.54 19.29
C TYR A 222 3.12 10.21 18.12
N ARG A 223 3.48 10.81 16.98
CA ARG A 223 2.71 10.53 15.78
C ARG A 223 3.21 9.21 15.19
N PHE A 224 2.66 8.06 15.52
CA PHE A 224 3.21 6.85 14.87
C PHE A 224 2.58 6.76 13.49
N ARG A 225 3.42 6.59 12.47
CA ARG A 225 2.86 6.31 11.15
C ARG A 225 3.08 4.82 10.87
N ILE A 226 1.93 4.18 10.76
CA ILE A 226 1.74 2.73 10.70
C ILE A 226 1.53 2.33 9.25
N VAL A 227 2.45 1.50 8.77
CA VAL A 227 2.43 1.21 7.33
C VAL A 227 2.32 -0.28 7.13
N SER A 228 1.22 -0.74 6.53
CA SER A 228 1.19 -2.16 6.16
C SER A 228 1.87 -2.39 4.82
N THR A 229 3.00 -3.10 4.78
CA THR A 229 3.69 -3.36 3.54
C THR A 229 3.37 -4.77 3.02
N SER A 230 2.23 -5.25 3.47
CA SER A 230 1.81 -6.66 3.40
C SER A 230 1.41 -7.07 1.99
N CYS A 231 1.67 -8.34 1.66
CA CYS A 231 1.34 -8.94 0.37
C CYS A 231 0.05 -9.73 0.44
N PHE A 232 -0.53 -9.75 1.65
CA PHE A 232 -1.71 -10.60 1.92
C PHE A 232 -2.32 -10.28 3.27
N PRO A 233 -1.94 -10.77 4.43
CA PRO A 233 -2.89 -10.66 5.56
C PRO A 233 -3.12 -9.24 6.05
N ASN A 234 -4.32 -9.05 6.61
CA ASN A 234 -4.61 -7.88 7.42
C ASN A 234 -4.20 -8.25 8.87
N TYR A 235 -3.78 -7.26 9.62
CA TYR A 235 -3.38 -7.23 11.00
C TYR A 235 -4.24 -6.33 11.91
N ALA A 236 -4.57 -6.92 13.04
CA ALA A 236 -5.23 -6.31 14.17
C ALA A 236 -4.14 -5.73 15.09
N PHE A 237 -3.98 -4.42 14.99
CA PHE A 237 -2.92 -3.64 15.60
C PHE A 237 -3.38 -2.99 16.91
N SER A 238 -2.46 -3.05 17.87
CA SER A 238 -2.71 -2.50 19.18
C SER A 238 -1.38 -2.44 19.96
N ILE A 239 -1.40 -1.56 20.94
CA ILE A 239 -0.39 -1.19 21.90
C ILE A 239 -0.97 -1.36 23.31
N ASP A 240 -0.54 -2.41 23.99
CA ASP A 240 -0.99 -2.77 25.32
C ASP A 240 -0.93 -1.55 26.21
N GLY A 241 -1.97 -1.33 27.00
CA GLY A 241 -2.09 -0.25 27.95
C GLY A 241 -2.18 1.14 27.35
N HIS A 242 -2.26 1.27 26.03
CA HIS A 242 -2.30 2.59 25.41
C HIS A 242 -3.38 2.78 24.36
N ARG A 243 -3.89 4.02 24.27
CA ARG A 243 -4.92 4.44 23.34
C ARG A 243 -4.25 5.02 22.08
N MET A 244 -4.95 4.86 20.97
CA MET A 244 -4.45 5.38 19.70
C MET A 244 -5.40 6.43 19.12
N THR A 245 -4.90 7.62 18.80
CA THR A 245 -5.81 8.62 18.20
C THR A 245 -5.48 8.80 16.73
N VAL A 246 -6.42 8.38 15.89
CA VAL A 246 -6.32 8.48 14.43
C VAL A 246 -6.54 9.91 13.96
N ILE A 247 -5.57 10.35 13.16
CA ILE A 247 -5.53 11.67 12.55
C ILE A 247 -5.33 11.63 11.03
N GLU A 248 -5.06 10.48 10.47
CA GLU A 248 -4.62 10.32 9.07
C GLU A 248 -4.84 8.88 8.61
N VAL A 249 -5.34 8.71 7.39
CA VAL A 249 -5.78 7.47 6.77
C VAL A 249 -5.36 7.44 5.30
N ASP A 250 -4.44 6.56 4.93
CA ASP A 250 -3.98 6.44 3.55
C ASP A 250 -3.59 7.79 2.97
N GLY A 251 -2.81 8.60 3.67
CA GLY A 251 -2.38 9.89 3.12
C GLY A 251 -3.26 11.02 3.57
N VAL A 252 -4.50 10.65 3.97
CA VAL A 252 -5.42 11.79 4.14
C VAL A 252 -5.73 12.04 5.61
N SER A 253 -5.53 13.28 6.02
CA SER A 253 -5.85 13.73 7.37
C SER A 253 -7.34 13.68 7.68
N HIS A 254 -7.66 13.08 8.82
CA HIS A 254 -9.05 12.99 9.31
C HIS A 254 -9.16 13.61 10.70
N GLN A 255 -10.39 13.86 11.13
CA GLN A 255 -10.67 14.39 12.45
C GLN A 255 -10.19 13.34 13.44
N PRO A 256 -9.53 13.82 14.49
CA PRO A 256 -8.95 12.95 15.51
C PRO A 256 -10.02 12.06 16.15
N LEU A 257 -9.86 10.77 16.04
CA LEU A 257 -10.70 9.70 16.51
C LEU A 257 -9.90 8.68 17.31
N THR A 258 -10.25 8.51 18.57
CA THR A 258 -9.42 7.73 19.49
C THR A 258 -9.92 6.32 19.68
N VAL A 259 -9.01 5.33 19.51
CA VAL A 259 -9.35 3.93 19.66
C VAL A 259 -8.30 3.17 20.46
N ASP A 260 -8.56 1.91 20.82
CA ASP A 260 -7.61 1.02 21.48
C ASP A 260 -7.09 -0.06 20.54
N SER A 261 -7.83 -0.37 19.48
CA SER A 261 -7.40 -1.38 18.52
C SER A 261 -7.85 -1.01 17.10
N LEU A 262 -7.33 -1.74 16.14
CA LEU A 262 -7.33 -1.45 14.73
C LEU A 262 -7.03 -2.63 13.83
N THR A 263 -7.78 -2.83 12.74
CA THR A 263 -7.41 -3.77 11.69
C THR A 263 -6.81 -3.04 10.49
N ILE A 264 -5.54 -3.31 10.18
CA ILE A 264 -4.99 -2.59 9.04
C ILE A 264 -4.82 -3.50 7.85
N PHE A 265 -5.28 -3.11 6.66
CA PHE A 265 -5.25 -4.02 5.50
C PHE A 265 -4.02 -3.76 4.63
N ALA A 266 -3.77 -4.71 3.73
CA ALA A 266 -2.62 -4.66 2.82
C ALA A 266 -2.50 -3.33 2.09
N GLY A 267 -1.40 -2.62 2.41
CA GLY A 267 -1.20 -1.36 1.69
C GLY A 267 -1.76 -0.17 2.44
N GLN A 268 -2.43 -0.43 3.57
CA GLN A 268 -3.07 0.66 4.29
C GLN A 268 -2.04 1.39 5.14
N ARG A 269 -2.41 2.59 5.57
CA ARG A 269 -1.57 3.46 6.37
C ARG A 269 -2.52 4.32 7.22
N TYR A 270 -2.28 4.39 8.50
CA TYR A 270 -2.86 5.20 9.53
C TYR A 270 -1.81 6.02 10.26
N SER A 271 -2.03 7.30 10.52
CA SER A 271 -1.31 7.91 11.63
C SER A 271 -2.22 7.91 12.86
N VAL A 272 -1.57 7.61 13.98
CA VAL A 272 -2.15 7.60 15.31
C VAL A 272 -1.20 8.33 16.26
N VAL A 273 -1.77 9.22 17.06
CA VAL A 273 -0.99 9.84 18.12
C VAL A 273 -1.11 8.94 19.35
N VAL A 274 0.04 8.57 19.90
CA VAL A 274 0.21 7.81 21.13
C VAL A 274 0.91 8.69 22.18
N GLU A 275 0.24 9.02 23.27
CA GLU A 275 0.87 9.71 24.40
C GLU A 275 1.54 8.71 25.31
N ALA A 276 2.79 8.97 25.72
CA ALA A 276 3.37 7.98 26.64
C ALA A 276 2.87 8.29 28.05
N ASN A 277 1.67 7.81 28.39
CA ASN A 277 1.16 8.22 29.70
C ASN A 277 1.00 7.08 30.68
N GLN A 278 1.55 5.89 30.44
CA GLN A 278 1.32 4.82 31.42
C GLN A 278 2.51 4.72 32.37
N ALA A 279 2.57 3.66 33.18
CA ALA A 279 3.71 3.61 34.10
C ALA A 279 4.96 3.29 33.28
N VAL A 280 6.08 3.95 33.54
CA VAL A 280 7.35 3.71 32.84
C VAL A 280 7.55 2.20 32.72
N GLY A 281 7.98 1.65 31.58
CA GLY A 281 8.08 0.20 31.58
C GLY A 281 8.11 -0.41 30.19
N ASN A 282 7.80 -1.70 30.09
CA ASN A 282 7.68 -2.40 28.81
C ASN A 282 6.25 -2.75 28.46
N TYR A 283 5.90 -2.72 27.17
CA TYR A 283 4.53 -3.03 26.78
C TYR A 283 4.52 -3.72 25.42
N TRP A 284 3.60 -4.67 25.21
CA TRP A 284 3.56 -5.33 23.91
C TRP A 284 2.87 -4.42 22.87
N ILE A 285 3.45 -4.33 21.70
CA ILE A 285 2.90 -3.88 20.44
C ILE A 285 2.49 -5.17 19.68
N ARG A 286 1.22 -5.28 19.34
CA ARG A 286 0.55 -6.41 18.76
C ARG A 286 0.06 -6.13 17.32
N ALA A 287 0.14 -7.19 16.55
CA ALA A 287 -0.12 -7.25 15.11
C ALA A 287 -0.61 -8.63 14.69
N ASN A 288 -1.90 -8.87 14.80
CA ASN A 288 -2.51 -10.18 14.61
C ASN A 288 -2.94 -10.32 13.13
N PRO A 289 -2.24 -11.24 12.48
CA PRO A 289 -2.44 -11.55 11.06
C PRO A 289 -3.77 -12.28 10.83
N SER A 290 -4.35 -12.04 9.67
CA SER A 290 -5.63 -12.63 9.28
C SER A 290 -5.43 -14.05 8.75
N ASN A 291 -4.19 -14.34 8.37
CA ASN A 291 -3.77 -15.61 7.84
C ASN A 291 -2.33 -15.88 8.25
N GLY A 292 -1.93 -17.14 8.37
CA GLY A 292 -0.68 -17.54 9.01
C GLY A 292 -0.97 -17.82 10.48
N ARG A 293 0.04 -18.29 11.20
CA ARG A 293 -0.01 -18.41 12.65
C ARG A 293 -0.47 -17.08 13.28
N ASN A 294 -1.55 -17.15 14.03
CA ASN A 294 -2.10 -15.95 14.69
C ASN A 294 -1.81 -16.03 16.18
N GLY A 295 -2.30 -15.10 17.01
CA GLY A 295 -1.93 -15.21 18.42
C GLY A 295 -0.51 -14.78 18.68
N PHE A 296 -0.08 -14.75 19.94
CA PHE A 296 1.18 -14.22 20.43
C PHE A 296 2.02 -15.22 21.20
N THR A 297 1.88 -16.53 20.96
CA THR A 297 2.67 -17.46 21.76
C THR A 297 4.15 -17.39 21.43
N GLY A 298 4.94 -17.12 22.49
CA GLY A 298 6.36 -17.00 22.23
C GLY A 298 6.71 -15.57 21.88
N GLY A 299 5.69 -14.73 21.64
CA GLY A 299 6.05 -13.36 21.28
C GLY A 299 6.08 -13.16 19.78
N ILE A 300 5.48 -14.09 19.05
CA ILE A 300 5.31 -13.95 17.62
C ILE A 300 4.33 -12.80 17.37
N ASN A 301 4.24 -12.25 16.17
CA ASN A 301 3.29 -11.20 15.86
C ASN A 301 3.36 -10.03 16.85
N SER A 302 4.57 -9.77 17.38
CA SER A 302 4.78 -8.73 18.38
C SER A 302 6.08 -7.96 18.24
N ALA A 303 6.15 -6.87 19.00
CA ALA A 303 7.29 -5.94 19.08
C ALA A 303 7.23 -5.31 20.48
N ILE A 304 8.26 -4.62 20.92
CA ILE A 304 8.28 -4.01 22.23
C ILE A 304 8.12 -2.49 22.21
N PHE A 305 7.18 -2.00 23.00
CA PHE A 305 6.98 -0.57 23.32
C PHE A 305 7.62 -0.27 24.68
N ARG A 306 8.84 0.27 24.69
CA ARG A 306 9.56 0.44 25.95
C ARG A 306 9.83 1.91 26.26
N TYR A 307 9.59 2.30 27.51
CA TYR A 307 9.81 3.57 28.14
C TYR A 307 11.26 3.79 28.55
N GLN A 308 11.74 5.01 28.33
CA GLN A 308 13.06 5.41 28.82
C GLN A 308 13.16 5.00 30.28
N GLY A 309 14.27 4.36 30.63
CA GLY A 309 14.43 3.87 31.96
C GLY A 309 13.85 2.53 32.31
N ALA A 310 13.02 1.91 31.47
CA ALA A 310 12.47 0.61 31.85
C ALA A 310 13.57 -0.45 31.80
N ALA A 311 13.26 -1.62 32.33
CA ALA A 311 14.24 -2.71 32.27
C ALA A 311 14.43 -3.11 30.82
N VAL A 312 15.63 -3.49 30.41
CA VAL A 312 15.66 -4.12 29.09
C VAL A 312 15.09 -5.52 29.27
N ALA A 313 13.82 -5.65 28.89
CA ALA A 313 13.07 -6.87 29.15
C ALA A 313 11.95 -7.09 28.14
N GLU A 314 11.49 -8.33 28.13
CA GLU A 314 10.38 -8.87 27.38
C GLU A 314 9.07 -8.38 27.98
N PRO A 315 8.11 -7.82 27.26
CA PRO A 315 6.82 -7.51 27.86
C PRO A 315 6.05 -8.70 28.45
N THR A 316 5.12 -8.40 29.35
CA THR A 316 4.25 -9.33 30.03
C THR A 316 2.83 -8.76 30.13
N THR A 317 2.63 -7.63 29.44
CA THR A 317 1.36 -6.92 29.42
C THR A 317 0.29 -7.68 28.63
N SER A 318 -0.94 -7.55 29.12
CA SER A 318 -2.11 -8.16 28.51
C SER A 318 -2.69 -7.26 27.41
N GLN A 319 -3.18 -7.86 26.34
CA GLN A 319 -3.83 -7.18 25.24
C GLN A 319 -5.16 -6.45 25.58
N ASN A 320 -5.51 -5.76 24.49
CA ASN A 320 -6.57 -4.76 24.25
C ASN A 320 -7.93 -4.94 24.95
N SER A 321 -8.51 -3.74 24.86
CA SER A 321 -9.78 -3.26 25.38
C SER A 321 -10.69 -2.84 24.22
N GLY A 322 -11.94 -2.79 24.54
CA GLY A 322 -13.07 -2.54 23.64
C GLY A 322 -12.86 -1.77 22.36
N THR A 323 -12.92 -0.45 22.44
CA THR A 323 -13.21 0.47 21.36
C THR A 323 -12.33 0.28 20.13
N ALA A 324 -12.80 -0.59 19.25
CA ALA A 324 -12.10 -0.77 17.97
C ALA A 324 -12.37 0.38 17.01
N LEU A 325 -11.49 0.60 16.04
CA LEU A 325 -11.71 1.53 14.94
C LEU A 325 -12.84 1.05 14.03
N ASN A 326 -13.80 1.91 13.72
CA ASN A 326 -14.77 1.62 12.66
C ASN A 326 -14.65 2.74 11.62
N GLU A 327 -14.29 2.27 10.43
CA GLU A 327 -14.07 3.05 9.23
C GLU A 327 -15.19 4.04 9.01
N ALA A 328 -16.42 3.61 9.32
CA ALA A 328 -17.59 4.47 9.22
C ALA A 328 -17.56 5.62 10.23
N ASN A 329 -16.58 5.62 11.11
CA ASN A 329 -16.53 6.69 12.12
C ASN A 329 -15.48 7.73 11.76
N LEU A 330 -14.62 7.44 10.77
CA LEU A 330 -13.64 8.46 10.38
C LEU A 330 -14.23 9.53 9.45
N ILE A 331 -13.88 10.78 9.71
CA ILE A 331 -14.29 11.92 8.90
C ILE A 331 -13.10 12.70 8.37
N PRO A 332 -13.01 13.00 7.07
CA PRO A 332 -11.84 13.72 6.56
C PRO A 332 -11.74 15.09 7.22
N LEU A 333 -10.55 15.55 7.58
CA LEU A 333 -10.44 16.88 8.16
C LEU A 333 -10.97 17.88 7.13
N ILE A 334 -10.06 18.35 6.28
CA ILE A 334 -10.44 19.38 5.30
C ILE A 334 -11.55 18.86 4.38
N ASN A 335 -12.64 19.62 4.50
CA ASN A 335 -13.94 19.55 3.91
C ASN A 335 -13.85 19.00 2.48
N PRO A 336 -14.31 17.77 2.42
CA PRO A 336 -14.51 16.91 1.26
C PRO A 336 -15.99 16.70 0.95
N GLY A 337 -16.33 16.82 -0.33
CA GLY A 337 -17.70 16.47 -0.72
C GLY A 337 -17.69 15.11 -1.42
N ALA A 338 -18.39 14.13 -0.85
CA ALA A 338 -18.59 12.88 -1.59
C ALA A 338 -19.17 13.28 -2.94
N PRO A 339 -18.31 13.32 -3.94
CA PRO A 339 -18.63 14.01 -5.20
C PRO A 339 -19.98 13.61 -5.75
N GLY A 340 -20.60 14.49 -6.52
CA GLY A 340 -21.83 14.04 -7.18
C GLY A 340 -23.06 14.13 -6.31
N ASN A 341 -24.10 13.40 -6.73
CA ASN A 341 -25.41 13.34 -6.11
C ASN A 341 -25.48 12.18 -5.12
N PRO A 342 -26.21 12.44 -4.05
CA PRO A 342 -26.24 11.63 -2.84
C PRO A 342 -27.23 10.47 -2.90
N VAL A 343 -27.37 9.90 -4.09
CA VAL A 343 -28.08 8.65 -4.24
C VAL A 343 -27.11 7.61 -4.79
N PRO A 344 -27.09 6.38 -4.32
CA PRO A 344 -26.30 5.33 -4.99
C PRO A 344 -26.78 5.30 -6.42
N GLY A 345 -25.96 4.97 -7.41
CA GLY A 345 -26.47 5.11 -8.78
C GLY A 345 -26.53 6.56 -9.23
N GLY A 346 -26.28 7.52 -8.37
CA GLY A 346 -26.25 8.94 -8.65
C GLY A 346 -25.01 9.53 -9.26
N ALA A 347 -23.91 8.79 -9.34
CA ALA A 347 -22.73 9.34 -10.04
C ALA A 347 -23.01 9.47 -11.52
N ASP A 348 -22.05 9.90 -12.33
CA ASP A 348 -22.31 10.05 -13.75
C ASP A 348 -22.08 8.69 -14.38
N ILE A 349 -21.09 8.06 -13.74
CA ILE A 349 -20.71 6.72 -14.16
C ILE A 349 -20.79 5.76 -13.00
N ASN A 350 -21.67 4.79 -13.12
CA ASN A 350 -21.84 3.76 -12.09
C ASN A 350 -21.50 2.42 -12.73
N LEU A 351 -20.38 1.84 -12.29
CA LEU A 351 -20.03 0.49 -12.70
C LEU A 351 -20.00 -0.37 -11.42
N ASN A 352 -20.53 -1.57 -11.53
CA ASN A 352 -20.60 -2.60 -10.51
C ASN A 352 -19.61 -3.72 -10.77
N LEU A 353 -18.61 -3.91 -9.90
CA LEU A 353 -17.57 -4.88 -10.21
C LEU A 353 -17.74 -6.23 -9.53
N ARG A 354 -18.02 -7.31 -10.24
CA ARG A 354 -18.14 -8.64 -9.65
C ARG A 354 -16.96 -9.55 -9.96
N ILE A 355 -16.44 -10.18 -8.92
CA ILE A 355 -15.30 -11.06 -8.84
C ILE A 355 -15.68 -12.53 -9.08
N GLY A 356 -14.95 -13.17 -9.98
CA GLY A 356 -15.12 -14.59 -10.26
C GLY A 356 -13.86 -15.35 -9.98
N ARG A 357 -13.87 -16.68 -9.97
CA ARG A 357 -12.57 -17.29 -9.66
C ARG A 357 -12.10 -18.29 -10.72
N ASN A 358 -11.19 -19.13 -10.28
CA ASN A 358 -10.53 -20.23 -10.97
C ASN A 358 -9.88 -21.13 -9.90
N ALA A 359 -10.07 -22.42 -10.04
CA ALA A 359 -9.64 -23.47 -9.14
C ALA A 359 -8.42 -23.06 -8.32
N THR A 360 -7.23 -23.43 -8.76
CA THR A 360 -5.99 -23.11 -8.04
C THR A 360 -5.89 -21.61 -7.80
N THR A 361 -4.81 -20.97 -8.25
CA THR A 361 -4.72 -19.52 -8.19
C THR A 361 -3.79 -19.03 -9.30
N ALA A 362 -4.42 -18.59 -10.39
CA ALA A 362 -3.79 -18.05 -11.58
C ALA A 362 -4.83 -17.38 -12.48
N ASP A 363 -6.10 -17.42 -12.09
CA ASP A 363 -7.14 -16.80 -12.92
C ASP A 363 -8.28 -16.20 -12.12
N PHE A 364 -8.03 -15.01 -11.56
CA PHE A 364 -9.13 -14.27 -10.95
C PHE A 364 -9.90 -13.55 -12.05
N THR A 365 -11.12 -13.14 -11.71
CA THR A 365 -11.99 -12.57 -12.72
C THR A 365 -12.82 -11.42 -12.14
N ILE A 366 -12.96 -10.39 -12.96
CA ILE A 366 -13.85 -9.28 -12.66
C ILE A 366 -14.74 -8.99 -13.87
N ASN A 367 -16.05 -9.11 -13.68
CA ASN A 367 -17.04 -8.96 -14.73
C ASN A 367 -16.63 -9.75 -15.98
N GLY A 368 -16.30 -11.02 -15.78
CA GLY A 368 -15.90 -11.91 -16.84
C GLY A 368 -14.76 -11.40 -17.69
N ALA A 369 -13.60 -11.26 -17.06
CA ALA A 369 -12.29 -11.10 -17.66
C ALA A 369 -11.20 -11.09 -16.60
N PRO A 370 -10.19 -11.94 -16.78
CA PRO A 370 -9.05 -11.92 -15.87
C PRO A 370 -8.08 -10.81 -16.27
N PHE A 371 -7.32 -10.28 -15.31
CA PHE A 371 -6.26 -9.39 -15.78
C PHE A 371 -5.09 -10.25 -16.26
N ILE A 372 -4.83 -10.27 -17.57
CA ILE A 372 -3.62 -10.94 -18.05
C ILE A 372 -2.73 -9.85 -18.67
N PRO A 373 -1.51 -9.71 -18.18
CA PRO A 373 -0.71 -8.55 -18.58
C PRO A 373 -0.24 -8.65 -20.03
N PRO A 374 -0.41 -7.61 -20.83
CA PRO A 374 0.00 -7.65 -22.25
C PRO A 374 1.49 -7.38 -22.43
N THR A 375 2.02 -7.75 -23.59
CA THR A 375 3.43 -7.51 -23.91
C THR A 375 3.69 -6.02 -24.13
N VAL A 376 2.64 -5.34 -24.59
CA VAL A 376 2.64 -3.90 -24.76
C VAL A 376 2.01 -3.19 -23.59
N PRO A 377 2.76 -2.37 -22.86
CA PRO A 377 2.19 -1.72 -21.67
C PRO A 377 1.00 -0.83 -22.07
N VAL A 378 -0.10 -0.84 -21.33
CA VAL A 378 -1.31 -0.12 -21.76
C VAL A 378 -1.03 1.33 -22.06
N LEU A 379 -0.08 1.92 -21.33
CA LEU A 379 0.33 3.28 -21.67
C LEU A 379 0.90 3.29 -23.09
N LEU A 380 1.74 2.33 -23.41
CA LEU A 380 2.27 2.25 -24.77
C LEU A 380 1.21 2.13 -25.86
N GLN A 381 0.34 1.12 -25.80
CA GLN A 381 -0.69 1.03 -26.84
C GLN A 381 -1.46 2.35 -26.96
N ILE A 382 -1.75 3.03 -25.86
CA ILE A 382 -2.44 4.31 -26.01
C ILE A 382 -1.58 5.38 -26.65
N LEU A 383 -0.37 5.61 -26.14
CA LEU A 383 0.47 6.65 -26.73
C LEU A 383 0.72 6.45 -28.23
N SER A 384 0.66 5.19 -28.63
CA SER A 384 0.90 4.75 -30.00
C SER A 384 -0.25 5.08 -30.95
N GLY A 385 -1.42 5.32 -30.41
CA GLY A 385 -2.61 5.60 -31.19
C GLY A 385 -3.69 4.55 -31.09
N VAL A 386 -3.62 3.65 -30.11
CA VAL A 386 -4.75 2.78 -29.79
C VAL A 386 -5.60 3.48 -28.72
N THR A 387 -6.63 4.13 -29.20
CA THR A 387 -7.58 4.92 -28.41
C THR A 387 -8.88 4.21 -28.12
N ASN A 388 -9.36 3.30 -28.99
CA ASN A 388 -10.61 2.64 -28.63
C ASN A 388 -10.29 1.52 -27.63
N PRO A 389 -10.86 1.58 -26.44
CA PRO A 389 -10.66 0.57 -25.41
C PRO A 389 -10.78 -0.84 -25.98
N ASN A 390 -11.81 -1.04 -26.78
CA ASN A 390 -12.14 -2.28 -27.46
C ASN A 390 -10.93 -2.94 -28.13
N ASP A 391 -9.96 -2.15 -28.55
CA ASP A 391 -8.72 -2.58 -29.15
C ASP A 391 -7.57 -2.58 -28.14
N LEU A 392 -7.82 -2.16 -26.89
CA LEU A 392 -6.69 -2.19 -25.95
C LEU A 392 -6.48 -3.61 -25.46
N LEU A 393 -5.35 -3.93 -24.83
CA LEU A 393 -5.26 -5.27 -24.25
C LEU A 393 -4.80 -5.19 -22.79
N PRO A 394 -5.19 -6.12 -21.96
CA PRO A 394 -5.94 -7.32 -22.35
C PRO A 394 -7.43 -7.07 -22.55
N GLY A 395 -8.06 -7.94 -23.33
CA GLY A 395 -9.47 -7.83 -23.62
C GLY A 395 -10.36 -7.81 -22.40
N GLY A 396 -11.18 -6.76 -22.29
CA GLY A 396 -12.23 -6.52 -21.35
C GLY A 396 -11.79 -6.05 -19.98
N ALA A 397 -10.51 -6.22 -19.68
CA ALA A 397 -10.01 -5.81 -18.35
C ALA A 397 -9.77 -4.32 -18.34
N VAL A 398 -9.93 -3.68 -19.50
CA VAL A 398 -9.68 -2.24 -19.57
C VAL A 398 -10.89 -1.35 -19.82
N ILE A 399 -11.25 -0.44 -18.91
CA ILE A 399 -12.42 0.41 -19.13
C ILE A 399 -12.08 1.88 -19.30
N SER A 400 -12.65 2.53 -20.32
CA SER A 400 -12.28 3.94 -20.53
C SER A 400 -13.25 4.84 -19.75
N LEU A 401 -12.68 5.78 -19.01
CA LEU A 401 -13.47 6.77 -18.29
C LEU A 401 -13.29 8.17 -18.88
N PRO A 402 -14.43 8.85 -18.93
CA PRO A 402 -14.44 10.17 -19.62
C PRO A 402 -14.05 11.18 -18.57
N ALA A 403 -13.65 12.36 -18.99
CA ALA A 403 -13.01 13.40 -18.23
C ALA A 403 -13.94 14.26 -17.39
N ASN A 404 -13.46 14.62 -16.20
CA ASN A 404 -14.16 15.55 -15.32
C ASN A 404 -15.56 15.04 -14.96
N GLN A 405 -15.64 13.74 -14.70
CA GLN A 405 -16.82 12.93 -14.41
C GLN A 405 -16.89 12.37 -13.00
N VAL A 406 -18.08 12.14 -12.44
CA VAL A 406 -18.12 11.51 -11.11
C VAL A 406 -18.37 10.00 -11.23
N ILE A 407 -17.50 9.16 -10.69
CA ILE A 407 -17.57 7.71 -10.83
C ILE A 407 -18.05 6.96 -9.59
N GLU A 408 -19.05 6.07 -9.72
CA GLU A 408 -19.40 5.27 -8.55
C GLU A 408 -19.04 3.81 -8.77
N ILE A 409 -18.20 3.32 -7.87
CA ILE A 409 -17.77 1.92 -7.97
C ILE A 409 -18.32 1.05 -6.86
N SER A 410 -18.99 -0.05 -7.19
CA SER A 410 -19.48 -1.01 -6.20
C SER A 410 -18.84 -2.36 -6.40
N ILE A 411 -18.35 -3.01 -5.32
CA ILE A 411 -17.78 -4.33 -5.54
C ILE A 411 -18.40 -5.31 -4.53
N PRO A 412 -19.44 -6.03 -4.95
CA PRO A 412 -20.14 -7.00 -4.10
C PRO A 412 -19.20 -7.79 -3.20
N GLY A 413 -19.28 -7.49 -1.91
CA GLY A 413 -18.40 -8.02 -0.91
C GLY A 413 -18.05 -9.48 -1.08
N GLY A 414 -17.01 -9.73 -1.85
CA GLY A 414 -16.41 -11.04 -2.04
C GLY A 414 -15.88 -11.61 -0.74
N GLY A 415 -14.56 -11.71 -0.59
CA GLY A 415 -13.93 -12.35 0.55
C GLY A 415 -12.80 -11.63 1.22
N ASN A 416 -13.00 -10.37 1.58
CA ASN A 416 -12.07 -9.59 2.38
C ASN A 416 -10.95 -8.96 1.56
N HIS A 417 -11.14 -8.81 0.25
CA HIS A 417 -10.11 -8.23 -0.61
C HIS A 417 -9.84 -6.76 -0.40
N PRO A 418 -8.59 -6.37 -0.15
CA PRO A 418 -8.21 -4.96 -0.04
C PRO A 418 -7.98 -4.36 -1.43
N PHE A 419 -9.01 -3.73 -2.00
CA PHE A 419 -8.93 -3.08 -3.29
C PHE A 419 -8.26 -1.72 -3.24
N HIS A 420 -7.43 -1.42 -4.22
CA HIS A 420 -6.63 -0.20 -4.25
C HIS A 420 -6.75 0.50 -5.59
N LEU A 421 -7.08 1.80 -5.61
CA LEU A 421 -7.16 2.52 -6.88
C LEU A 421 -5.92 3.40 -7.09
N HIS A 422 -5.30 3.32 -8.26
CA HIS A 422 -4.18 4.23 -8.54
C HIS A 422 -4.66 5.59 -9.07
N GLY A 423 -3.78 6.57 -9.00
CA GLY A 423 -3.96 7.91 -9.51
C GLY A 423 -4.93 8.75 -8.70
N HIS A 424 -5.60 8.16 -7.70
CA HIS A 424 -6.67 8.81 -6.95
C HIS A 424 -6.83 8.27 -5.54
N ASN A 425 -7.56 9.03 -4.74
CA ASN A 425 -8.24 8.45 -3.60
C ASN A 425 -9.75 8.51 -3.90
N PHE A 426 -10.51 8.03 -2.93
CA PHE A 426 -11.95 7.90 -3.10
C PHE A 426 -12.67 8.06 -1.76
N ASP A 427 -13.95 8.40 -1.82
CA ASP A 427 -14.87 8.39 -0.70
C ASP A 427 -15.56 7.03 -0.71
N VAL A 428 -15.32 6.32 0.39
CA VAL A 428 -16.02 5.05 0.51
C VAL A 428 -17.40 5.33 1.08
N VAL A 429 -18.38 5.49 0.19
CA VAL A 429 -19.69 5.96 0.62
C VAL A 429 -20.45 4.88 1.37
N ARG A 430 -19.92 3.68 1.24
CA ARG A 430 -20.49 2.54 1.96
C ARG A 430 -19.31 1.70 2.43
N THR A 431 -19.06 1.82 3.74
CA THR A 431 -18.00 1.13 4.47
C THR A 431 -18.34 -0.34 4.67
N PRO A 432 -17.33 -1.19 4.53
CA PRO A 432 -17.48 -2.60 4.88
C PRO A 432 -18.06 -2.65 6.31
N GLY A 433 -19.17 -3.33 6.49
CA GLY A 433 -19.94 -3.49 7.70
C GLY A 433 -20.96 -2.42 7.99
N SER A 434 -21.70 -1.87 7.01
CA SER A 434 -22.71 -0.89 7.39
C SER A 434 -23.70 -0.57 6.29
N SER A 435 -24.95 -1.00 6.38
CA SER A 435 -25.95 -1.00 5.32
C SER A 435 -26.36 0.37 4.79
N VAL A 436 -25.79 1.39 5.41
CA VAL A 436 -25.99 2.79 5.18
C VAL A 436 -25.24 3.36 4.00
N TYR A 437 -25.73 4.46 3.41
CA TYR A 437 -24.85 5.18 2.51
C TYR A 437 -24.59 6.57 3.11
N ASN A 438 -23.32 6.95 3.02
CA ASN A 438 -22.83 8.21 3.56
C ASN A 438 -22.10 8.98 2.47
N TYR A 439 -22.81 10.02 2.02
CA TYR A 439 -22.37 10.98 1.02
C TYR A 439 -21.96 12.28 1.68
N VAL A 440 -22.27 12.34 2.98
CA VAL A 440 -22.02 13.53 3.77
C VAL A 440 -20.54 13.65 4.11
N ASN A 441 -20.06 12.72 4.93
CA ASN A 441 -18.65 12.81 5.30
C ASN A 441 -17.98 11.44 5.34
N PRO A 442 -18.06 10.62 4.29
CA PRO A 442 -17.38 9.32 4.26
C PRO A 442 -15.86 9.42 4.42
N VAL A 443 -15.27 8.40 5.04
CA VAL A 443 -13.84 8.16 4.93
C VAL A 443 -13.33 8.41 3.52
N ARG A 444 -12.15 9.01 3.37
CA ARG A 444 -11.49 9.06 2.07
C ARG A 444 -10.12 8.38 2.23
N ARG A 445 -9.78 7.45 1.36
CA ARG A 445 -8.49 6.76 1.46
C ARG A 445 -8.04 6.19 0.12
N ASP A 446 -7.18 5.17 0.07
CA ASP A 446 -6.87 4.65 -1.26
C ASP A 446 -6.81 3.11 -1.35
N VAL A 447 -7.01 2.46 -0.23
CA VAL A 447 -7.12 1.03 -0.05
C VAL A 447 -8.31 0.69 0.84
N VAL A 448 -9.23 -0.13 0.33
CA VAL A 448 -10.42 -0.49 1.10
C VAL A 448 -10.78 -1.96 0.91
N SER A 449 -11.02 -2.57 2.06
CA SER A 449 -11.48 -3.95 2.16
C SER A 449 -12.93 -4.09 1.71
N ILE A 450 -13.13 -5.11 0.87
CA ILE A 450 -14.50 -5.30 0.37
C ILE A 450 -15.32 -6.17 1.32
N GLY A 451 -14.68 -6.57 2.42
CA GLY A 451 -15.35 -7.45 3.39
C GLY A 451 -15.82 -8.69 2.69
N GLY A 452 -16.96 -9.23 3.09
CA GLY A 452 -17.36 -10.45 2.38
C GLY A 452 -18.79 -10.83 2.72
N GLY A 453 -19.44 -11.53 1.82
CA GLY A 453 -20.77 -12.08 1.91
C GLY A 453 -21.69 -11.30 2.82
N GLY A 454 -22.27 -10.23 2.27
CA GLY A 454 -23.15 -9.36 3.00
C GLY A 454 -22.92 -7.90 2.58
N ASP A 455 -21.67 -7.58 2.29
CA ASP A 455 -21.17 -6.28 1.91
C ASP A 455 -21.38 -5.91 0.45
N ASN A 456 -21.54 -4.60 0.28
CA ASN A 456 -21.49 -4.02 -1.06
C ASN A 456 -20.71 -2.72 -0.91
N VAL A 457 -19.38 -2.92 -0.87
CA VAL A 457 -18.55 -1.72 -0.77
C VAL A 457 -18.56 -0.94 -2.09
N THR A 458 -18.84 0.35 -1.94
CA THR A 458 -18.91 1.35 -2.98
C THR A 458 -18.12 2.59 -2.58
N PHE A 459 -17.46 3.20 -3.53
CA PHE A 459 -16.76 4.46 -3.43
C PHE A 459 -16.97 5.31 -4.70
N ARG A 460 -16.57 6.57 -4.66
CA ARG A 460 -16.71 7.58 -5.69
C ARG A 460 -15.44 8.39 -5.91
N PHE A 461 -15.01 8.69 -7.14
CA PHE A 461 -13.90 9.59 -7.39
C PHE A 461 -14.22 10.46 -8.60
N VAL A 462 -13.33 11.39 -8.91
CA VAL A 462 -13.43 12.27 -10.07
C VAL A 462 -12.21 12.09 -10.97
N THR A 463 -12.50 11.81 -12.22
CA THR A 463 -11.57 11.55 -13.30
C THR A 463 -10.87 12.80 -13.79
N ASP A 464 -10.12 13.47 -12.94
CA ASP A 464 -9.42 14.69 -13.26
C ASP A 464 -7.92 14.51 -13.50
N ASN A 465 -7.49 13.33 -13.88
CA ASN A 465 -6.19 12.74 -13.98
C ASN A 465 -6.05 11.85 -15.20
N PRO A 466 -5.71 12.42 -16.34
CA PRO A 466 -5.53 11.63 -17.58
C PRO A 466 -4.41 10.64 -17.32
N GLY A 467 -4.73 9.37 -17.46
CA GLY A 467 -3.89 8.25 -17.08
C GLY A 467 -4.57 6.91 -17.10
N PRO A 468 -3.79 5.89 -17.45
CA PRO A 468 -4.21 4.50 -17.27
C PRO A 468 -3.91 4.13 -15.82
N TRP A 469 -4.97 3.95 -15.05
CA TRP A 469 -4.90 3.71 -13.63
C TRP A 469 -5.52 2.37 -13.25
N PHE A 470 -4.72 1.56 -12.60
CA PHE A 470 -4.99 0.24 -12.07
C PHE A 470 -6.07 0.19 -11.01
N LEU A 471 -6.86 -0.86 -10.95
CA LEU A 471 -7.69 -1.08 -9.75
C LEU A 471 -7.57 -2.57 -9.44
N HIS A 472 -6.94 -2.83 -8.27
CA HIS A 472 -6.76 -4.24 -7.95
C HIS A 472 -6.78 -4.55 -6.47
N CYS A 473 -7.11 -5.81 -6.20
CA CYS A 473 -6.89 -6.33 -4.86
C CYS A 473 -5.40 -6.21 -4.56
N HIS A 474 -5.07 -5.55 -3.45
CA HIS A 474 -3.73 -5.39 -2.94
C HIS A 474 -3.16 -6.61 -2.21
N ILE A 475 -3.91 -7.71 -2.21
CA ILE A 475 -3.36 -9.02 -1.92
C ILE A 475 -2.49 -9.45 -3.10
N ASP A 476 -1.18 -9.33 -2.93
CA ASP A 476 -0.30 -9.44 -4.07
C ASP A 476 -0.47 -10.69 -4.93
N TRP A 477 -0.81 -11.80 -4.31
CA TRP A 477 -0.98 -13.12 -4.88
C TRP A 477 -2.30 -13.19 -5.66
N HIS A 478 -3.17 -12.20 -5.44
CA HIS A 478 -4.45 -12.19 -6.14
C HIS A 478 -4.37 -11.39 -7.43
N LEU A 479 -3.53 -10.36 -7.38
CA LEU A 479 -3.30 -9.56 -8.58
C LEU A 479 -2.51 -10.38 -9.59
N GLU A 480 -1.54 -11.15 -9.06
CA GLU A 480 -0.76 -12.05 -9.91
C GLU A 480 -1.67 -13.09 -10.57
N ALA A 481 -2.83 -13.34 -9.98
CA ALA A 481 -3.85 -14.24 -10.51
C ALA A 481 -4.84 -13.55 -11.43
N GLY A 482 -4.78 -12.23 -11.65
CA GLY A 482 -5.71 -11.62 -12.58
C GLY A 482 -6.79 -10.80 -11.93
N LEU A 483 -6.63 -10.59 -10.62
CA LEU A 483 -7.67 -9.80 -9.96
C LEU A 483 -7.39 -8.32 -10.14
N ALA A 484 -7.75 -7.77 -11.31
CA ALA A 484 -7.41 -6.37 -11.57
C ALA A 484 -8.00 -5.87 -12.89
N VAL A 485 -8.22 -4.57 -12.97
CA VAL A 485 -8.70 -3.85 -14.13
C VAL A 485 -8.00 -2.48 -14.24
N VAL A 486 -7.83 -2.04 -15.47
CA VAL A 486 -7.16 -0.81 -15.86
C VAL A 486 -8.15 0.26 -16.32
N PHE A 487 -8.17 1.35 -15.57
CA PHE A 487 -8.96 2.52 -15.84
C PHE A 487 -8.17 3.43 -16.79
N ALA A 488 -8.64 3.48 -18.04
CA ALA A 488 -8.03 4.37 -19.02
C ALA A 488 -8.84 5.67 -19.07
N GLU A 489 -8.37 6.61 -18.25
CA GLU A 489 -9.04 7.84 -17.87
C GLU A 489 -8.59 9.03 -18.70
N ASP A 490 -9.59 9.71 -19.31
CA ASP A 490 -9.35 10.85 -20.17
C ASP A 490 -8.29 10.47 -21.22
N ILE A 491 -8.65 9.47 -22.04
CA ILE A 491 -7.82 9.01 -23.15
C ILE A 491 -7.39 10.16 -24.06
N PRO A 492 -8.24 11.01 -24.60
CA PRO A 492 -7.79 12.13 -25.45
C PRO A 492 -6.68 12.99 -24.86
N ASN A 493 -6.69 13.20 -23.56
CA ASN A 493 -5.73 13.98 -22.80
C ASN A 493 -4.50 13.25 -22.30
N ILE A 494 -4.36 11.94 -22.46
CA ILE A 494 -3.17 11.33 -21.86
C ILE A 494 -1.81 11.73 -22.43
N PRO A 495 -1.60 11.76 -23.73
CA PRO A 495 -0.33 12.19 -24.32
C PRO A 495 0.02 13.65 -24.07
N ILE A 496 -1.07 14.42 -23.92
CA ILE A 496 -0.96 15.87 -23.79
C ILE A 496 -0.54 16.27 -22.39
N ALA A 497 -1.23 15.71 -21.41
CA ALA A 497 -1.05 15.86 -19.98
C ALA A 497 0.29 15.31 -19.49
N ASN A 498 0.70 14.23 -20.16
CA ASN A 498 1.91 13.53 -19.78
C ASN A 498 3.00 13.78 -20.81
N ALA A 499 4.16 14.22 -20.34
CA ALA A 499 5.32 14.58 -21.12
C ALA A 499 6.38 13.48 -21.05
N ILE A 500 6.64 12.77 -22.14
CA ILE A 500 7.43 11.55 -21.99
C ILE A 500 8.89 11.63 -22.45
N SER A 501 9.72 11.74 -21.43
CA SER A 501 11.16 11.64 -21.43
C SER A 501 11.65 10.48 -22.28
N PRO A 502 12.73 10.69 -23.01
CA PRO A 502 13.26 9.61 -23.87
C PRO A 502 13.55 8.37 -23.02
N ALA A 503 13.97 8.60 -21.77
CA ALA A 503 14.31 7.43 -20.95
C ALA A 503 13.10 6.55 -20.72
N TRP A 504 11.91 7.14 -20.65
CA TRP A 504 10.75 6.23 -20.59
C TRP A 504 10.68 5.44 -21.88
N ASP A 505 11.01 6.14 -22.98
CA ASP A 505 10.76 5.54 -24.28
C ASP A 505 11.55 4.26 -24.54
N ASP A 506 12.67 4.02 -23.83
CA ASP A 506 13.41 2.82 -24.22
C ASP A 506 13.35 1.74 -23.14
N LEU A 507 12.45 1.91 -22.17
CA LEU A 507 12.26 0.76 -21.30
C LEU A 507 11.84 -0.47 -22.08
N CYS A 508 10.77 -0.33 -22.87
CA CYS A 508 10.28 -1.56 -23.51
C CYS A 508 11.28 -2.13 -24.49
N PRO A 509 11.86 -1.39 -25.45
CA PRO A 509 12.88 -1.98 -26.32
C PRO A 509 14.01 -2.67 -25.59
N LYS A 510 14.34 -2.18 -24.38
CA LYS A 510 15.55 -2.79 -23.80
C LYS A 510 15.20 -4.05 -23.03
N TYR A 511 13.97 -4.07 -22.54
CA TYR A 511 13.32 -5.18 -21.84
C TYR A 511 13.04 -6.28 -22.86
N ASN A 512 12.39 -5.88 -23.94
CA ASN A 512 11.92 -6.87 -24.93
C ASN A 512 13.06 -7.61 -25.64
N ALA A 513 14.30 -7.26 -25.37
CA ALA A 513 15.52 -7.78 -25.95
C ALA A 513 16.28 -8.72 -25.00
N ASN A 514 15.84 -8.80 -23.76
CA ASN A 514 16.36 -9.37 -22.55
C ASN A 514 17.35 -10.52 -22.62
N ASN A 515 16.82 -11.73 -22.60
CA ASN A 515 17.54 -12.98 -22.49
C ASN A 515 17.32 -13.62 -21.12
CU CU B . 0.73 -0.40 -3.10
CU CU C . -1.22 -1.29 -7.71
CU CU D . -1.02 2.27 -5.60
CU CU E . -7.83 -10.40 -3.08
#